data_7LUI
#
_entry.id   7LUI
#
_cell.length_a   62.832
_cell.length_b   90.340
_cell.length_c   63.555
_cell.angle_alpha   90.000
_cell.angle_beta   90.000
_cell.angle_gamma   90.000
#
_symmetry.space_group_name_H-M   'C 2 2 21'
#
loop_
_entity.id
_entity.type
_entity.pdbx_description
1 polymer 'Thiol:disulfide interchange protein DsbA'
2 non-polymer GLYCEROL
3 non-polymer 'TAUROCHOLIC ACID'
4 water water
#
_entity_poly.entity_id   1
_entity_poly.type   'polypeptide(L)'
_entity_poly.pdbx_seq_one_letter_code
;AQFKEGEHYQVLKTPASSSPVVSEFFSFYCPHCNTFEPIIAQLKQQLPEGAKFQKNHVSFMGGNMGQAMSKAYATMIALE
VEDKMVPVMFNRIHTLRKPPKDEQELRQIFLDEGIDAAKFDAAYNGFAVDSMVRRFDKQFQDSGLTGVPAVVVNNRYLVQ
GQSAKSLDEYFDLVNYLLTLK
;
_entity_poly.pdbx_strand_id   A
#
loop_
_chem_comp.id
_chem_comp.type
_chem_comp.name
_chem_comp.formula
GOL non-polymer GLYCEROL 'C3 H8 O3'
TCH non-polymer 'TAUROCHOLIC ACID' 'C26 H45 N O7 S'
#
# COMPACT_ATOMS: atom_id res chain seq x y z
N GLN A 2 -13.78 -15.57 -18.38
CA GLN A 2 -12.50 -14.97 -18.74
C GLN A 2 -11.41 -15.31 -17.73
N PHE A 3 -11.54 -14.75 -16.54
CA PHE A 3 -10.52 -14.88 -15.50
C PHE A 3 -10.69 -16.19 -14.74
N LYS A 4 -9.58 -16.92 -14.58
CA LYS A 4 -9.60 -18.27 -14.04
C LYS A 4 -8.68 -18.39 -12.84
N GLU A 5 -9.15 -19.08 -11.81
CA GLU A 5 -8.31 -19.47 -10.69
C GLU A 5 -7.01 -20.08 -11.19
N GLY A 6 -5.96 -19.95 -10.37
CA GLY A 6 -4.68 -20.52 -10.69
C GLY A 6 -3.95 -19.78 -11.79
N GLU A 7 -4.69 -19.15 -12.69
CA GLU A 7 -4.09 -18.41 -13.80
C GLU A 7 -4.08 -16.92 -13.50
N HIS A 8 -5.25 -16.31 -13.28
CA HIS A 8 -5.33 -14.88 -13.08
C HIS A 8 -5.34 -14.47 -11.62
N TYR A 9 -5.62 -15.40 -10.71
CA TYR A 9 -5.56 -15.11 -9.28
C TYR A 9 -5.34 -16.40 -8.53
N GLN A 10 -4.90 -16.27 -7.29
CA GLN A 10 -4.79 -17.37 -6.35
C GLN A 10 -5.72 -17.11 -5.16
N VAL A 11 -6.31 -18.17 -4.63
CA VAL A 11 -7.13 -18.07 -3.43
C VAL A 11 -6.24 -18.23 -2.21
N LEU A 12 -6.28 -17.25 -1.31
CA LEU A 12 -5.47 -17.27 -0.11
C LEU A 12 -6.19 -18.01 1.01
N LYS A 13 -5.43 -18.29 2.08
CA LYS A 13 -5.97 -19.07 3.18
C LYS A 13 -6.93 -18.26 4.05
N THR A 14 -6.80 -16.94 4.05
CA THR A 14 -7.61 -16.10 4.93
C THR A 14 -9.07 -16.12 4.50
N PRO A 15 -9.99 -15.74 5.38
CA PRO A 15 -11.41 -15.71 5.03
C PRO A 15 -11.74 -14.41 4.31
N ALA A 16 -12.85 -14.46 3.55
CA ALA A 16 -13.24 -13.30 2.77
C ALA A 16 -13.68 -12.15 3.67
N SER A 17 -13.49 -10.93 3.18
CA SER A 17 -13.85 -9.74 3.93
C SER A 17 -15.36 -9.57 3.98
N SER A 18 -15.80 -8.72 4.91
CA SER A 18 -17.24 -8.47 5.07
C SER A 18 -17.77 -7.59 3.96
N SER A 19 -16.99 -6.61 3.52
CA SER A 19 -17.39 -5.69 2.46
C SER A 19 -16.28 -5.61 1.42
N PRO A 20 -16.61 -5.14 0.21
CA PRO A 20 -15.63 -5.21 -0.89
C PRO A 20 -14.45 -4.28 -0.66
N VAL A 21 -13.26 -4.82 -0.83
CA VAL A 21 -12.04 -4.07 -0.57
C VAL A 21 -10.94 -4.57 -1.49
N VAL A 22 -10.12 -3.64 -1.96
CA VAL A 22 -8.91 -3.95 -2.71
C VAL A 22 -7.75 -3.50 -1.83
N SER A 23 -6.85 -4.43 -1.48
CA SER A 23 -5.77 -4.16 -0.55
C SER A 23 -4.46 -4.26 -1.32
N GLU A 24 -3.65 -3.20 -1.30
CA GLU A 24 -2.34 -3.23 -1.91
C GLU A 24 -1.28 -3.33 -0.82
N PHE A 25 -0.33 -4.22 -0.99
CA PHE A 25 0.82 -4.30 -0.08
C PHE A 25 2.01 -3.75 -0.84
N PHE A 26 2.70 -2.79 -0.23
CA PHE A 26 3.76 -2.11 -0.95
C PHE A 26 4.84 -1.69 0.02
N SER A 27 5.95 -1.22 -0.54
CA SER A 27 6.97 -0.53 0.24
C SER A 27 7.40 0.70 -0.56
N PHE A 28 7.64 1.81 0.14
CA PHE A 28 8.24 2.96 -0.54
C PHE A 28 9.62 2.64 -1.11
N TYR A 29 10.29 1.62 -0.57
CA TYR A 29 11.61 1.26 -1.06
C TYR A 29 11.57 0.44 -2.34
N CYS A 30 10.39 0.02 -2.79
CA CYS A 30 10.31 -0.93 -3.88
C CYS A 30 10.16 -0.20 -5.21
N PRO A 31 11.07 -0.39 -6.16
CA PRO A 31 10.97 0.32 -7.45
C PRO A 31 9.71 -0.03 -8.23
N HIS A 32 9.31 -1.31 -8.20
CA HIS A 32 8.10 -1.69 -8.91
C HIS A 32 6.87 -1.05 -8.29
N CYS A 33 6.84 -0.96 -6.96
CA CYS A 33 5.74 -0.25 -6.30
C CYS A 33 5.68 1.21 -6.76
N ASN A 34 6.85 1.84 -6.91
CA ASN A 34 6.93 3.19 -7.46
CA ASN A 34 6.87 3.19 -7.45
C ASN A 34 6.31 3.23 -8.86
N THR A 35 6.72 2.29 -9.72
CA THR A 35 6.17 2.22 -11.07
C THR A 35 4.66 2.01 -11.03
N PHE A 36 4.21 1.22 -10.07
CA PHE A 36 2.80 0.84 -9.97
C PHE A 36 1.93 1.98 -9.49
N GLU A 37 2.53 3.00 -8.84
CA GLU A 37 1.71 3.99 -8.13
C GLU A 37 0.75 4.73 -9.06
N PRO A 38 1.18 5.21 -10.25
CA PRO A 38 0.20 5.84 -11.15
C PRO A 38 -0.88 4.88 -11.65
N ILE A 39 -0.55 3.60 -11.80
CA ILE A 39 -1.55 2.60 -12.17
C ILE A 39 -2.56 2.43 -11.03
N ILE A 40 -2.07 2.35 -9.79
CA ILE A 40 -2.98 2.30 -8.65
C ILE A 40 -3.90 3.51 -8.63
N ALA A 41 -3.37 4.69 -8.98
CA ALA A 41 -4.21 5.88 -8.94
C ALA A 41 -5.37 5.79 -9.92
N GLN A 42 -5.15 5.15 -11.08
CA GLN A 42 -6.23 4.96 -12.05
C GLN A 42 -7.17 3.82 -11.65
N LEU A 43 -6.63 2.74 -11.08
CA LEU A 43 -7.47 1.67 -10.56
C LEU A 43 -8.48 2.24 -9.56
N LYS A 44 -8.00 3.07 -8.64
CA LYS A 44 -8.89 3.63 -7.62
C LYS A 44 -10.00 4.46 -8.25
N GLN A 45 -9.67 5.29 -9.23
CA GLN A 45 -10.68 6.17 -9.82
C GLN A 45 -11.81 5.38 -10.48
N GLN A 46 -11.53 4.17 -10.97
CA GLN A 46 -12.53 3.42 -11.71
C GLN A 46 -13.13 2.26 -10.92
N LEU A 47 -12.86 2.18 -9.61
CA LEU A 47 -13.43 1.11 -8.81
C LEU A 47 -14.95 1.23 -8.73
N PRO A 48 -15.65 0.11 -8.64
CA PRO A 48 -17.09 0.17 -8.44
C PRO A 48 -17.41 1.02 -7.21
N GLU A 49 -18.51 1.74 -7.29
CA GLU A 49 -19.03 2.46 -6.14
C GLU A 49 -19.15 1.53 -4.94
N GLY A 50 -18.66 1.98 -3.79
CA GLY A 50 -18.78 1.25 -2.55
C GLY A 50 -17.63 0.31 -2.25
N ALA A 51 -16.74 0.07 -3.20
CA ALA A 51 -15.53 -0.70 -2.96
C ALA A 51 -14.46 0.20 -2.34
N LYS A 52 -13.82 -0.31 -1.30
CA LYS A 52 -12.75 0.39 -0.59
C LYS A 52 -11.41 0.00 -1.17
N PHE A 53 -10.47 0.94 -1.14
CA PHE A 53 -9.09 0.65 -1.49
C PHE A 53 -8.21 0.99 -0.29
N GLN A 54 -7.31 0.07 0.05
N GLN A 54 -7.38 0.04 0.13
CA GLN A 54 -6.49 0.20 1.26
CA GLN A 54 -6.46 0.30 1.23
C GLN A 54 -5.05 -0.17 0.93
C GLN A 54 -5.06 -0.11 0.84
N LYS A 55 -4.12 0.80 1.05
CA LYS A 55 -2.70 0.54 0.87
C LYS A 55 -2.15 0.11 2.23
N ASN A 56 -1.23 -0.85 2.21
CA ASN A 56 -0.64 -1.41 3.42
C ASN A 56 0.87 -1.43 3.24
N HIS A 57 1.61 -0.72 4.09
CA HIS A 57 3.08 -0.67 3.95
C HIS A 57 3.72 -1.83 4.69
N VAL A 58 4.76 -2.45 4.09
CA VAL A 58 5.47 -3.57 4.70
C VAL A 58 6.82 -3.08 5.21
N SER A 59 7.34 -3.75 6.24
CA SER A 59 8.53 -3.27 6.91
C SER A 59 9.81 -3.99 6.51
N PHE A 60 9.76 -4.95 5.59
CA PHE A 60 10.93 -5.79 5.40
C PHE A 60 11.94 -5.26 4.38
N MET A 61 11.65 -4.15 3.69
CA MET A 61 12.67 -3.48 2.89
C MET A 61 13.12 -2.21 3.61
N GLY A 62 14.32 -1.74 3.23
CA GLY A 62 14.86 -0.53 3.84
C GLY A 62 15.73 -0.75 5.06
N GLY A 63 16.13 -1.99 5.33
CA GLY A 63 17.03 -2.24 6.44
C GLY A 63 16.41 -1.81 7.76
N ASN A 64 17.23 -1.18 8.61
CA ASN A 64 16.77 -0.74 9.92
C ASN A 64 15.82 0.45 9.86
N MET A 65 15.44 0.94 8.68
CA MET A 65 14.44 2.00 8.51
C MET A 65 13.10 1.47 8.01
N GLY A 66 12.97 0.15 7.80
CA GLY A 66 11.72 -0.38 7.25
C GLY A 66 10.53 -0.16 8.16
N GLN A 67 10.69 -0.44 9.47
CA GLN A 67 9.55 -0.23 10.37
C GLN A 67 9.22 1.25 10.51
N ALA A 68 10.25 2.09 10.59
CA ALA A 68 10.01 3.54 10.61
C ALA A 68 9.25 4.00 9.36
N MET A 69 9.58 3.45 8.20
CA MET A 69 8.89 3.87 6.99
C MET A 69 7.43 3.41 6.99
N SER A 70 7.15 2.24 7.58
CA SER A 70 5.76 1.82 7.75
C SER A 70 5.01 2.80 8.64
N LYS A 71 5.65 3.24 9.73
CA LYS A 71 5.02 4.24 10.58
C LYS A 71 4.81 5.54 9.82
N ALA A 72 5.76 5.90 8.95
CA ALA A 72 5.61 7.10 8.13
C ALA A 72 4.37 7.01 7.24
N TYR A 73 4.19 5.87 6.56
CA TYR A 73 2.99 5.71 5.72
C TYR A 73 1.73 5.79 6.57
N ALA A 74 1.71 5.09 7.71
CA ALA A 74 0.54 5.19 8.58
C ALA A 74 0.30 6.64 9.04
N THR A 75 1.38 7.41 9.22
CA THR A 75 1.23 8.81 9.59
C THR A 75 0.60 9.60 8.47
N MET A 76 0.95 9.29 7.21
CA MET A 76 0.26 9.92 6.08
C MET A 76 -1.24 9.68 6.12
N ILE A 77 -1.66 8.48 6.51
CA ILE A 77 -3.09 8.21 6.65
C ILE A 77 -3.67 9.03 7.80
N ALA A 78 -2.97 9.02 8.94
CA ALA A 78 -3.48 9.65 10.15
C ALA A 78 -3.67 11.15 9.97
N LEU A 79 -2.73 11.77 9.26
CA LEU A 79 -2.77 13.21 9.01
C LEU A 79 -3.55 13.57 7.75
N GLU A 80 -4.01 12.58 6.98
CA GLU A 80 -4.77 12.83 5.75
C GLU A 80 -3.96 13.63 4.73
N VAL A 81 -2.70 13.23 4.55
CA VAL A 81 -1.80 13.91 3.62
C VAL A 81 -1.22 12.93 2.61
N GLU A 82 -1.94 11.84 2.32
CA GLU A 82 -1.42 10.84 1.38
C GLU A 82 -1.21 11.42 -0.02
N ASP A 83 -2.13 12.26 -0.47
CA ASP A 83 -2.03 12.72 -1.84
C ASP A 83 -0.76 13.55 -2.03
N LYS A 84 -0.34 14.25 -0.99
CA LYS A 84 0.88 15.03 -1.08
C LYS A 84 2.10 14.17 -0.80
N MET A 85 2.03 13.34 0.24
CA MET A 85 3.25 12.73 0.77
C MET A 85 3.61 11.41 0.10
N VAL A 86 2.66 10.70 -0.50
CA VAL A 86 2.99 9.42 -1.12
C VAL A 86 3.89 9.66 -2.34
N PRO A 87 3.53 10.54 -3.28
CA PRO A 87 4.47 10.80 -4.38
C PRO A 87 5.79 11.41 -3.92
N VAL A 88 5.75 12.26 -2.88
CA VAL A 88 6.97 12.88 -2.38
C VAL A 88 7.95 11.82 -1.90
N MET A 89 7.44 10.85 -1.13
CA MET A 89 8.32 9.85 -0.55
C MET A 89 8.89 8.93 -1.62
N PHE A 90 8.04 8.49 -2.56
CA PHE A 90 8.56 7.70 -3.68
C PHE A 90 9.63 8.50 -4.43
N ASN A 91 9.35 9.77 -4.70
CA ASN A 91 10.30 10.57 -5.44
C ASN A 91 11.62 10.70 -4.68
N ARG A 92 11.54 10.90 -3.36
CA ARG A 92 12.75 11.07 -2.56
C ARG A 92 13.65 9.83 -2.65
N ILE A 93 13.04 8.65 -2.64
CA ILE A 93 13.81 7.41 -2.58
C ILE A 93 14.29 6.99 -3.96
N HIS A 94 13.45 7.16 -4.99
CA HIS A 94 13.74 6.56 -6.29
C HIS A 94 14.23 7.52 -7.37
N THR A 95 13.86 8.79 -7.32
CA THR A 95 14.42 9.75 -8.27
C THR A 95 15.56 10.55 -7.67
N LEU A 96 15.34 11.14 -6.50
CA LEU A 96 16.43 11.85 -5.83
C LEU A 96 17.44 10.88 -5.25
N ARG A 97 17.03 9.64 -4.98
CA ARG A 97 17.87 8.59 -4.43
C ARG A 97 18.61 9.08 -3.18
N LYS A 98 17.84 9.67 -2.27
CA LYS A 98 18.32 10.14 -0.97
C LYS A 98 17.39 9.59 0.10
N PRO A 99 17.35 8.28 0.27
CA PRO A 99 16.50 7.70 1.31
C PRO A 99 16.93 8.20 2.67
N PRO A 100 15.99 8.31 3.60
CA PRO A 100 16.30 8.87 4.93
C PRO A 100 17.19 7.91 5.71
N LYS A 101 18.28 8.44 6.27
CA LYS A 101 19.24 7.59 6.97
C LYS A 101 18.78 7.26 8.39
N ASP A 102 17.92 8.08 8.97
CA ASP A 102 17.48 7.91 10.35
C ASP A 102 16.10 8.54 10.49
N GLU A 103 15.52 8.43 11.68
CA GLU A 103 14.17 8.98 11.84
C GLU A 103 14.16 10.50 11.77
N GLN A 104 15.25 11.18 12.16
CA GLN A 104 15.26 12.64 11.99
C GLN A 104 15.05 13.02 10.53
N GLU A 105 15.78 12.36 9.62
CA GLU A 105 15.66 12.70 8.20
C GLU A 105 14.29 12.30 7.68
N LEU A 106 13.76 11.19 8.17
CA LEU A 106 12.42 10.77 7.78
C LEU A 106 11.40 11.84 8.16
N ARG A 107 11.49 12.33 9.39
CA ARG A 107 10.60 13.40 9.83
C ARG A 107 10.80 14.65 8.99
N GLN A 108 12.06 14.96 8.64
CA GLN A 108 12.32 16.19 7.89
C GLN A 108 11.68 16.16 6.51
N ILE A 109 11.53 14.97 5.91
CA ILE A 109 10.87 14.86 4.62
C ILE A 109 9.45 15.41 4.70
N PHE A 110 8.75 15.11 5.81
CA PHE A 110 7.41 15.65 6.02
C PHE A 110 7.44 17.14 6.27
N LEU A 111 8.33 17.59 7.16
CA LEU A 111 8.39 19.01 7.51
C LEU A 111 8.69 19.86 6.28
N ASP A 112 9.56 19.36 5.40
CA ASP A 112 9.95 20.08 4.19
C ASP A 112 8.81 20.20 3.18
N GLU A 113 7.72 19.48 3.38
CA GLU A 113 6.54 19.65 2.55
C GLU A 113 5.47 20.48 3.23
N GLY A 114 5.72 20.93 4.46
CA GLY A 114 4.80 21.80 5.15
C GLY A 114 3.95 21.14 6.21
N ILE A 115 4.20 19.86 6.51
CA ILE A 115 3.47 19.21 7.58
C ILE A 115 3.85 19.83 8.91
N ASP A 116 2.85 20.10 9.75
CA ASP A 116 3.10 20.72 11.05
C ASP A 116 3.89 19.78 11.95
N ALA A 117 4.96 20.28 12.58
CA ALA A 117 5.85 19.41 13.32
C ALA A 117 5.15 18.81 14.54
N ALA A 118 4.35 19.62 15.25
CA ALA A 118 3.62 19.12 16.41
C ALA A 118 2.60 18.06 16.01
N LYS A 119 1.90 18.28 14.89
CA LYS A 119 0.95 17.25 14.44
C LYS A 119 1.67 15.98 13.98
N PHE A 120 2.79 16.12 13.27
CA PHE A 120 3.56 14.92 12.89
C PHE A 120 3.99 14.14 14.13
N ASP A 121 4.57 14.82 15.11
CA ASP A 121 5.13 14.13 16.26
C ASP A 121 4.04 13.39 17.04
N ALA A 122 2.87 14.00 17.20
CA ALA A 122 1.78 13.35 17.91
C ALA A 122 1.30 12.10 17.17
N ALA A 123 1.26 12.17 15.84
CA ALA A 123 0.75 11.06 15.04
C ALA A 123 1.79 9.93 14.97
N TYR A 124 3.03 10.30 14.68
CA TYR A 124 4.04 9.28 14.35
C TYR A 124 4.27 8.36 15.53
N ASN A 125 4.21 8.91 16.75
CA ASN A 125 4.41 8.15 17.97
C ASN A 125 3.10 7.80 18.66
N GLY A 126 1.96 7.95 17.97
CA GLY A 126 0.66 7.79 18.58
C GLY A 126 0.04 6.40 18.36
N PHE A 127 -1.12 6.22 19.00
CA PHE A 127 -1.81 4.93 19.03
C PHE A 127 -2.40 4.55 17.69
N ALA A 128 -2.99 5.52 16.96
CA ALA A 128 -3.57 5.16 15.66
C ALA A 128 -2.51 4.62 14.71
N VAL A 129 -1.36 5.29 14.64
CA VAL A 129 -0.30 4.82 13.76
C VAL A 129 0.22 3.45 14.21
N ASP A 130 0.42 3.27 15.51
CA ASP A 130 0.86 1.98 16.05
C ASP A 130 -0.13 0.88 15.64
N SER A 131 -1.42 1.16 15.81
CA SER A 131 -2.47 0.20 15.47
C SER A 131 -2.47 -0.13 13.98
N MET A 132 -2.29 0.90 13.12
CA MET A 132 -2.32 0.65 11.67
C MET A 132 -1.12 -0.15 11.21
N VAL A 133 0.07 0.14 11.73
CA VAL A 133 1.24 -0.66 11.34
C VAL A 133 1.04 -2.11 11.78
N ARG A 134 0.54 -2.33 13.00
CA ARG A 134 0.33 -3.71 13.42
C ARG A 134 -0.67 -4.40 12.50
N ARG A 135 -1.64 -3.65 11.98
CA ARG A 135 -2.60 -4.24 11.06
C ARG A 135 -1.98 -4.51 9.69
N PHE A 136 -1.14 -3.58 9.17
CA PHE A 136 -0.39 -3.89 7.96
C PHE A 136 0.26 -5.26 8.10
N ASP A 137 0.94 -5.45 9.24
CA ASP A 137 1.77 -6.64 9.43
C ASP A 137 0.92 -7.89 9.60
N LYS A 138 -0.17 -7.79 10.39
CA LYS A 138 -1.01 -8.96 10.61
C LYS A 138 -1.66 -9.46 9.32
N GLN A 139 -2.15 -8.53 8.48
CA GLN A 139 -2.69 -8.94 7.19
C GLN A 139 -1.63 -9.62 6.33
N PHE A 140 -0.44 -9.02 6.26
CA PHE A 140 0.61 -9.61 5.44
C PHE A 140 0.95 -11.02 5.93
N GLN A 141 1.03 -11.19 7.26
CA GLN A 141 1.39 -12.49 7.81
C GLN A 141 0.26 -13.49 7.62
N ASP A 142 -0.98 -13.08 7.96
CA ASP A 142 -2.12 -13.98 7.87
C ASP A 142 -2.39 -14.43 6.44
N SER A 143 -2.12 -13.57 5.46
CA SER A 143 -2.38 -13.87 4.07
C SER A 143 -1.29 -14.74 3.45
N GLY A 144 -0.17 -14.94 4.14
CA GLY A 144 0.88 -15.77 3.56
C GLY A 144 1.57 -15.15 2.38
N LEU A 145 1.53 -13.82 2.28
CA LEU A 145 2.19 -13.10 1.20
C LEU A 145 3.70 -13.26 1.28
N THR A 146 4.35 -13.22 0.11
CA THR A 146 5.78 -13.54 0.03
C THR A 146 6.60 -12.38 -0.54
N GLY A 147 5.99 -11.23 -0.79
CA GLY A 147 6.70 -10.12 -1.38
C GLY A 147 5.73 -9.02 -1.77
N VAL A 148 6.28 -7.96 -2.34
CA VAL A 148 5.51 -6.81 -2.84
C VAL A 148 6.02 -6.47 -4.23
N PRO A 149 5.21 -5.79 -5.04
CA PRO A 149 3.81 -5.50 -4.71
C PRO A 149 2.91 -6.75 -4.68
N ALA A 150 1.81 -6.63 -3.95
CA ALA A 150 0.78 -7.66 -3.95
C ALA A 150 -0.56 -6.95 -3.85
N VAL A 151 -1.56 -7.42 -4.58
CA VAL A 151 -2.90 -6.87 -4.52
C VAL A 151 -3.84 -8.00 -4.15
N VAL A 152 -4.56 -7.82 -3.04
CA VAL A 152 -5.48 -8.83 -2.52
C VAL A 152 -6.88 -8.24 -2.53
N VAL A 153 -7.84 -8.98 -3.07
CA VAL A 153 -9.22 -8.53 -3.15
C VAL A 153 -10.03 -9.29 -2.12
N ASN A 154 -10.84 -8.55 -1.34
CA ASN A 154 -11.76 -9.13 -0.36
C ASN A 154 -11.02 -10.07 0.59
N ASN A 155 -9.77 -9.73 0.89
CA ASN A 155 -8.96 -10.38 1.92
C ASN A 155 -8.54 -11.79 1.51
N ARG A 156 -8.92 -12.27 0.31
CA ARG A 156 -8.81 -13.69 -0.03
C ARG A 156 -8.29 -13.97 -1.44
N TYR A 157 -8.37 -13.03 -2.38
CA TYR A 157 -8.02 -13.28 -3.78
C TYR A 157 -6.78 -12.49 -4.18
N LEU A 158 -5.68 -13.21 -4.41
CA LEU A 158 -4.39 -12.60 -4.75
C LEU A 158 -4.29 -12.43 -6.27
N VAL A 159 -4.18 -11.19 -6.72
CA VAL A 159 -4.15 -10.90 -8.15
C VAL A 159 -2.81 -11.36 -8.73
N GLN A 160 -2.87 -11.99 -9.91
CA GLN A 160 -1.65 -12.29 -10.66
C GLN A 160 -1.60 -11.29 -11.82
N GLY A 161 -0.98 -10.14 -11.57
CA GLY A 161 -0.96 -9.08 -12.55
C GLY A 161 -0.33 -9.50 -13.87
N GLN A 162 0.64 -10.42 -13.81
CA GLN A 162 1.29 -10.94 -15.01
C GLN A 162 0.35 -11.84 -15.79
N SER A 163 -0.93 -11.52 -15.76
CA SER A 163 -1.93 -12.17 -16.59
C SER A 163 -2.64 -11.18 -17.49
N ALA A 164 -2.77 -9.93 -17.07
CA ALA A 164 -3.46 -8.93 -17.88
C ALA A 164 -2.65 -8.56 -19.12
N LYS A 165 -3.36 -8.22 -20.19
CA LYS A 165 -2.74 -7.82 -21.44
C LYS A 165 -2.99 -6.35 -21.77
N SER A 166 -3.53 -5.61 -20.82
CA SER A 166 -3.61 -4.15 -20.89
C SER A 166 -3.98 -3.64 -19.51
N LEU A 167 -3.82 -2.33 -19.33
CA LEU A 167 -4.25 -1.72 -18.07
C LEU A 167 -5.75 -1.90 -17.85
N ASP A 168 -6.53 -1.78 -18.93
CA ASP A 168 -7.98 -1.95 -18.81
C ASP A 168 -8.34 -3.38 -18.39
N GLU A 169 -7.64 -4.39 -18.91
CA GLU A 169 -7.92 -5.76 -18.49
C GLU A 169 -7.49 -6.02 -17.05
N TYR A 170 -6.38 -5.43 -16.62
CA TYR A 170 -6.03 -5.57 -15.21
C TYR A 170 -7.14 -5.05 -14.33
N PHE A 171 -7.75 -3.93 -14.71
CA PHE A 171 -8.87 -3.38 -13.96
C PHE A 171 -10.07 -4.33 -13.97
N ASP A 172 -10.36 -4.94 -15.11
CA ASP A 172 -11.50 -5.87 -15.19
C ASP A 172 -11.30 -7.04 -14.24
N LEU A 173 -10.06 -7.50 -14.07
CA LEU A 173 -9.80 -8.65 -13.19
C LEU A 173 -10.07 -8.27 -11.74
N VAL A 174 -9.58 -7.11 -11.31
CA VAL A 174 -9.85 -6.66 -9.94
C VAL A 174 -11.35 -6.51 -9.73
N ASN A 175 -12.04 -5.86 -10.68
CA ASN A 175 -13.48 -5.62 -10.52
C ASN A 175 -14.25 -6.93 -10.44
N TYR A 176 -13.82 -7.94 -11.21
CA TYR A 176 -14.49 -9.23 -11.13
C TYR A 176 -14.26 -9.87 -9.77
N LEU A 177 -13.02 -9.82 -9.28
CA LEU A 177 -12.73 -10.40 -7.97
C LEU A 177 -13.54 -9.74 -6.87
N LEU A 178 -13.89 -8.47 -7.03
CA LEU A 178 -14.66 -7.80 -5.98
C LEU A 178 -16.04 -8.40 -5.79
N THR A 179 -16.54 -9.16 -6.75
CA THR A 179 -17.85 -9.80 -6.66
C THR A 179 -17.80 -11.19 -6.03
N LEU A 180 -16.63 -11.67 -5.62
CA LEU A 180 -16.52 -13.01 -5.04
C LEU A 180 -16.52 -12.93 -3.51
N LYS A 181 -16.94 -14.05 -2.89
CA LYS A 181 -17.09 -14.12 -1.44
C LYS A 181 -16.15 -15.14 -0.79
C1 GOL B . 5.34 -7.10 6.68
O1 GOL B . 5.27 -5.71 6.95
C2 GOL B . 6.44 -7.76 7.48
O2 GOL B . 7.66 -7.04 7.32
C3 GOL B . 6.12 -7.89 8.96
O3 GOL B . 4.96 -8.68 9.17
H11 GOL B . 4.48 -7.52 6.89
H12 GOL B . 5.52 -7.23 5.72
HO1 GOL B . 4.48 -5.53 7.21
H2 GOL B . 6.57 -8.68 7.12
HO2 GOL B . 7.47 -6.22 7.39
H31 GOL B . 6.89 -8.30 9.42
H32 GOL B . 5.99 -6.99 9.33
HO3 GOL B . 4.67 -8.52 9.95
C1 TCH C . 1.13 -3.28 -22.83
C2 TCH C . 2.22 -2.22 -22.79
C3 TCH C . 3.54 -2.77 -23.26
O3 TCH C . 4.56 -1.76 -23.16
C4 TCH C . 3.93 -3.97 -22.44
C5 TCH C . 2.85 -5.06 -22.39
C6 TCH C . 3.27 -6.27 -21.54
C7 TCH C . 3.09 -6.12 -20.03
O7 TCH C . 4.13 -5.29 -19.46
C8 TCH C . 1.72 -5.53 -19.66
C9 TCH C . 1.44 -4.25 -20.47
C10 TCH C . 1.44 -4.53 -22.00
C11 TCH C . 0.16 -3.56 -19.98
C12 TCH C . 0.14 -3.28 -18.47
O12 TCH C . 1.18 -2.33 -18.15
C13 TCH C . 0.34 -4.60 -17.67
C14 TCH C . 1.64 -5.25 -18.17
C15 TCH C . 1.82 -6.41 -17.22
C16 TCH C . 1.45 -5.78 -15.85
C17 TCH C . 0.64 -4.49 -16.15
C18 TCH C . -0.90 -5.50 -17.89
C19 TCH C . 0.39 -5.60 -22.38
O1S TCH C . 1.01 -8.07 -9.99
C20 TCH C . -0.49 -4.32 -15.13
C21 TCH C . -1.15 -2.94 -15.17
C22 TCH C . 0.05 -4.58 -13.73
C23 TCH C . 0.70 -3.35 -13.11
C24 TCH C . 1.86 -3.66 -12.21
N24 TCH C . 1.94 -4.91 -11.74
O24 TCH C . 2.70 -2.82 -11.92
C25 TCH C . 1.95 -5.22 -10.31
C26 TCH C . 0.57 -5.55 -9.82
S26 TCH C . 0.44 -7.14 -9.07
O2S TCH C . 1.04 -7.03 -7.77
O3S TCH C . -1.08 -7.34 -8.94
#